data_3PPQ
#
_entry.id   3PPQ
#
_cell.length_a   61.730
_cell.length_b   90.150
_cell.length_c   115.660
_cell.angle_alpha   90.00
_cell.angle_beta   90.00
_cell.angle_gamma   90.00
#
_symmetry.space_group_name_H-M   'P 2 21 21'
#
loop_
_entity.id
_entity.type
_entity.pdbx_description
1 polymer 'Glycine betaine/carnitine/choline-binding protein'
2 non-polymer 'CHOLINE ION'
3 water water
#
_entity_poly.entity_id   1
_entity_poly.type   'polypeptide(L)'
_entity_poly.pdbx_seq_one_letter_code
;MGHHHHHHMTKIKWLGAFALVFVMLLGGCSLPGLGGASDDTIKIGAQSMTESEIVANMIAQLIEHDTDLNTALVKNLGSN
YVQHQAMLGGDIDISATRYSGTDLTSTLGKEAEKDPKKALNIVQNEFQKRFSYKWFDSYGFDNTYAFTVTKKFAEKEHIN
TVSDLKKNASQYKLGVDNAWLKRKGDGYKGFVSTYGFEFGTTYPMQIGLVYDAVKNGKMDAVLAYSTDGRIKAYDLKILK
DDKRFFPPYDCSPVIPEKVLKEHPELEGVINKLIGQIDTETMQELNYEVDGKLKEPSVVAKEFLEKHHYFD
;
_entity_poly.pdbx_strand_id   A,B
#
loop_
_chem_comp.id
_chem_comp.type
_chem_comp.name
_chem_comp.formula
CHT non-polymer 'CHOLINE ION' 'C5 H14 N O 1'
#
# COMPACT_ATOMS: atom_id res chain seq x y z
N THR A 41 -22.17 -9.32 34.65
CA THR A 41 -22.61 -9.42 33.19
C THR A 41 -21.65 -8.59 32.33
N ILE A 42 -20.93 -9.28 31.44
CA ILE A 42 -19.98 -8.63 30.57
C ILE A 42 -20.75 -8.21 29.32
N LYS A 43 -20.82 -6.90 29.11
CA LYS A 43 -21.57 -6.32 27.98
C LYS A 43 -20.68 -6.10 26.73
N ILE A 44 -21.07 -6.71 25.62
CA ILE A 44 -20.23 -6.72 24.43
C ILE A 44 -20.92 -5.94 23.32
N GLY A 45 -20.26 -4.85 22.91
CA GLY A 45 -20.77 -3.96 21.86
C GLY A 45 -20.48 -4.44 20.44
N ALA A 46 -21.55 -4.45 19.66
CA ALA A 46 -21.49 -4.76 18.21
C ALA A 46 -21.95 -3.53 17.43
N GLN A 47 -21.12 -3.11 16.48
CA GLN A 47 -21.50 -2.13 15.48
C GLN A 47 -22.53 -2.78 14.52
N SER A 48 -23.26 -1.99 13.75
CA SER A 48 -24.23 -2.62 12.88
C SER A 48 -23.55 -3.00 11.59
N MET A 49 -22.60 -3.93 11.68
CA MET A 49 -21.98 -4.58 10.54
C MET A 49 -22.05 -6.07 10.85
N THR A 50 -22.32 -6.85 9.82
CA THR A 50 -22.30 -8.30 9.94
C THR A 50 -21.09 -8.82 10.69
N GLU A 51 -19.92 -8.32 10.36
CA GLU A 51 -18.69 -8.84 10.91
C GLU A 51 -18.63 -8.58 12.43
N SER A 52 -19.09 -7.38 12.82
CA SER A 52 -19.09 -7.04 14.23
C SER A 52 -20.02 -7.98 15.04
N GLU A 53 -21.15 -8.37 14.46
CA GLU A 53 -22.10 -9.25 15.17
C GLU A 53 -21.55 -10.67 15.27
N ILE A 54 -20.93 -11.15 14.21
CA ILE A 54 -20.34 -12.49 14.30
C ILE A 54 -19.31 -12.54 15.43
N VAL A 55 -18.36 -11.61 15.38
CA VAL A 55 -17.26 -11.59 16.36
C VAL A 55 -17.79 -11.36 17.79
N ALA A 56 -18.76 -10.45 17.96
CA ALA A 56 -19.35 -10.23 19.28
C ALA A 56 -20.02 -11.53 19.84
N ASN A 57 -20.69 -12.26 18.98
CA ASN A 57 -21.29 -13.52 19.37
C ASN A 57 -20.20 -14.54 19.67
N MET A 58 -19.12 -14.50 18.88
CA MET A 58 -17.98 -15.40 19.13
C MET A 58 -17.39 -15.16 20.54
N ILE A 59 -17.08 -13.90 20.86
CA ILE A 59 -16.55 -13.54 22.19
C ILE A 59 -17.54 -14.02 23.27
N ALA A 60 -18.83 -13.69 23.11
CA ALA A 60 -19.85 -14.11 24.11
C ALA A 60 -19.80 -15.61 24.38
N GLN A 61 -19.83 -16.40 23.31
CA GLN A 61 -19.86 -17.85 23.47
C GLN A 61 -18.59 -18.42 24.11
N LEU A 62 -17.44 -17.87 23.72
CA LEU A 62 -16.15 -18.39 24.22
C LEU A 62 -16.01 -18.02 25.68
N ILE A 63 -16.47 -16.82 26.05
CA ILE A 63 -16.51 -16.41 27.44
C ILE A 63 -17.30 -17.37 28.33
N GLU A 64 -18.52 -17.70 27.90
CA GLU A 64 -19.35 -18.60 28.66
C GLU A 64 -18.86 -20.05 28.60
N HIS A 65 -18.15 -20.44 27.54
CA HIS A 65 -17.56 -21.79 27.50
C HIS A 65 -16.41 -21.90 28.50
N ASP A 66 -15.59 -20.85 28.57
CA ASP A 66 -14.35 -20.92 29.37
C ASP A 66 -14.54 -20.56 30.84
N THR A 67 -15.58 -19.79 31.13
CA THR A 67 -15.72 -19.11 32.43
C THR A 67 -17.17 -19.05 32.93
N ASP A 68 -17.36 -18.52 34.14
CA ASP A 68 -18.72 -18.35 34.66
C ASP A 68 -19.24 -16.92 34.51
N LEU A 69 -18.57 -16.13 33.66
CA LEU A 69 -19.04 -14.79 33.39
C LEU A 69 -20.29 -14.87 32.53
N ASN A 70 -21.29 -14.10 32.90
CA ASN A 70 -22.46 -13.95 32.05
C ASN A 70 -22.22 -12.81 31.02
N THR A 71 -22.80 -12.95 29.83
CA THR A 71 -22.58 -11.98 28.74
C THR A 71 -23.88 -11.39 28.25
N ALA A 72 -23.81 -10.20 27.68
CA ALA A 72 -24.96 -9.59 26.99
C ALA A 72 -24.43 -8.89 25.77
N LEU A 73 -25.13 -8.99 24.64
CA LEU A 73 -24.73 -8.22 23.46
C LEU A 73 -25.39 -6.85 23.47
N VAL A 74 -24.61 -5.80 23.22
CA VAL A 74 -25.21 -4.46 22.96
C VAL A 74 -25.07 -4.19 21.45
N LYS A 75 -26.16 -4.34 20.70
CA LYS A 75 -26.04 -4.31 19.25
C LYS A 75 -26.41 -2.98 18.65
N ASN A 76 -26.26 -2.91 17.32
CA ASN A 76 -26.66 -1.76 16.49
C ASN A 76 -25.98 -0.44 16.85
N LEU A 77 -24.76 -0.51 17.40
CA LEU A 77 -23.99 0.71 17.63
C LEU A 77 -23.57 1.34 16.29
N GLY A 78 -23.88 2.62 16.14
CA GLY A 78 -23.80 3.29 14.84
C GLY A 78 -22.41 3.47 14.24
N SER A 79 -21.39 3.64 15.08
CA SER A 79 -20.04 3.99 14.63
C SER A 79 -19.05 3.77 15.78
N ASN A 80 -17.74 3.83 15.47
CA ASN A 80 -16.69 3.79 16.50
C ASN A 80 -16.84 4.92 17.52
N TYR A 81 -17.24 6.11 17.07
CA TYR A 81 -17.62 7.15 18.04
C TYR A 81 -18.69 6.73 19.09
N VAL A 82 -19.82 6.18 18.61
CA VAL A 82 -20.88 5.64 19.48
C VAL A 82 -20.33 4.52 20.37
N GLN A 83 -19.49 3.67 19.78
CA GLN A 83 -18.85 2.61 20.53
C GLN A 83 -17.97 3.19 21.65
N HIS A 84 -17.11 4.14 21.29
CA HIS A 84 -16.14 4.68 22.21
C HIS A 84 -16.89 5.39 23.34
N GLN A 85 -17.86 6.21 22.98
CA GLN A 85 -18.70 6.88 23.99
C GLN A 85 -19.43 5.89 24.91
N ALA A 86 -19.97 4.82 24.34
CA ALA A 86 -20.58 3.77 25.18
C ALA A 86 -19.57 3.14 26.19
N MET A 87 -18.32 2.91 25.78
CA MET A 87 -17.35 2.32 26.69
C MET A 87 -16.97 3.33 27.77
N LEU A 88 -16.79 4.60 27.40
CA LEU A 88 -16.51 5.65 28.39
C LEU A 88 -17.68 5.74 29.40
N GLY A 89 -18.89 5.53 28.89
CA GLY A 89 -20.14 5.55 29.67
C GLY A 89 -20.43 4.30 30.48
N GLY A 90 -19.62 3.26 30.30
CA GLY A 90 -19.83 2.01 31.02
C GLY A 90 -20.97 1.20 30.46
N ASP A 91 -21.51 1.60 29.31
CA ASP A 91 -22.61 0.87 28.66
C ASP A 91 -22.12 -0.45 28.02
N ILE A 92 -20.83 -0.50 27.65
CA ILE A 92 -20.20 -1.73 27.13
C ILE A 92 -18.87 -1.97 27.83
N ASP A 93 -18.52 -3.23 28.04
CA ASP A 93 -17.23 -3.55 28.67
C ASP A 93 -16.21 -3.98 27.61
N ILE A 94 -16.71 -4.39 26.45
CA ILE A 94 -15.84 -4.88 25.37
C ILE A 94 -16.36 -4.33 24.03
N SER A 95 -15.47 -3.75 23.20
CA SER A 95 -15.83 -3.55 21.79
C SER A 95 -15.33 -4.80 21.06
N ALA A 96 -16.22 -5.50 20.39
CA ALA A 96 -15.84 -6.72 19.60
C ALA A 96 -14.90 -6.38 18.44
N THR A 97 -15.21 -5.31 17.72
CA THR A 97 -14.42 -4.93 16.53
C THR A 97 -14.14 -3.43 16.42
N ARG A 98 -12.85 -3.10 16.40
CA ARG A 98 -12.38 -1.72 16.20
C ARG A 98 -11.22 -1.78 15.20
N TYR A 99 -11.02 -0.72 14.44
CA TYR A 99 -10.14 -0.79 13.25
C TYR A 99 -9.11 0.32 13.41
N SER A 100 -7.85 -0.07 13.35
CA SER A 100 -6.75 0.84 13.69
C SER A 100 -6.89 2.23 13.00
N GLY A 101 -7.01 2.22 11.66
CA GLY A 101 -7.14 3.46 10.86
C GLY A 101 -8.35 4.34 11.22
N THR A 102 -9.43 3.72 11.64
CA THR A 102 -10.67 4.46 11.95
C THR A 102 -10.50 5.21 13.27
N ASP A 103 -9.98 4.56 14.31
CA ASP A 103 -9.88 5.28 15.61
C ASP A 103 -8.71 6.25 15.60
N LEU A 104 -7.68 5.95 14.82
CA LEU A 104 -6.53 6.83 14.73
C LEU A 104 -6.93 8.23 14.28
N THR A 105 -7.79 8.27 13.26
CA THR A 105 -8.14 9.51 12.61
C THR A 105 -9.32 10.22 13.30
N SER A 106 -10.19 9.47 13.99
CA SER A 106 -11.41 10.04 14.57
C SER A 106 -11.33 10.20 16.09
N THR A 107 -11.22 9.11 16.83
CA THR A 107 -11.14 9.17 18.28
C THR A 107 -9.87 9.85 18.77
N LEU A 108 -8.73 9.48 18.18
CA LEU A 108 -7.46 10.06 18.59
C LEU A 108 -7.08 11.39 17.92
N GLY A 109 -7.83 11.81 16.88
CA GLY A 109 -7.56 13.05 16.16
C GLY A 109 -6.19 13.12 15.51
N LYS A 110 -5.67 11.98 15.05
CA LYS A 110 -4.31 11.97 14.51
C LYS A 110 -4.29 11.87 12.97
N GLU A 111 -3.14 12.15 12.38
CA GLU A 111 -2.94 11.97 10.93
C GLU A 111 -3.08 10.48 10.60
N ALA A 112 -3.51 10.18 9.37
CA ALA A 112 -3.67 8.80 8.93
C ALA A 112 -2.33 8.13 8.62
N GLU A 113 -1.76 7.47 9.62
CA GLU A 113 -0.56 6.68 9.42
C GLU A 113 -0.85 5.56 8.40
N LYS A 114 0.08 5.35 7.46
CA LYS A 114 -0.17 4.39 6.35
C LYS A 114 0.50 3.02 6.53
N ASP A 115 1.46 2.96 7.46
CA ASP A 115 2.12 1.71 7.82
C ASP A 115 1.28 0.90 8.81
N PRO A 116 0.98 -0.37 8.52
CA PRO A 116 0.18 -1.20 9.47
C PRO A 116 0.78 -1.35 10.86
N LYS A 117 2.04 -1.80 10.95
CA LYS A 117 2.70 -1.97 12.25
C LYS A 117 2.70 -0.65 13.01
N LYS A 118 3.09 0.44 12.36
CA LYS A 118 3.18 1.72 13.07
C LYS A 118 1.79 2.23 13.53
N ALA A 119 0.77 2.03 12.70
CA ALA A 119 -0.55 2.55 13.06
C ALA A 119 -1.10 1.76 14.25
N LEU A 120 -0.82 0.47 14.28
CA LEU A 120 -1.31 -0.35 15.37
C LEU A 120 -0.57 0.01 16.65
N ASN A 121 0.76 0.18 16.58
CA ASN A 121 1.53 0.60 17.77
C ASN A 121 1.04 1.94 18.34
N ILE A 122 0.78 2.90 17.46
CA ILE A 122 0.28 4.23 17.87
C ILE A 122 -1.09 4.11 18.55
N VAL A 123 -2.02 3.34 17.96
CA VAL A 123 -3.32 3.11 18.60
C VAL A 123 -3.25 2.39 19.96
N GLN A 124 -2.44 1.35 20.03
CA GLN A 124 -2.22 0.66 21.29
C GLN A 124 -1.63 1.59 22.38
N ASN A 125 -0.59 2.35 22.04
CA ASN A 125 0.10 3.18 23.04
C ASN A 125 -0.86 4.29 23.53
N GLU A 126 -1.61 4.87 22.59
CA GLU A 126 -2.52 5.99 22.89
C GLU A 126 -3.72 5.55 23.71
N PHE A 127 -4.34 4.40 23.35
CA PHE A 127 -5.44 3.83 24.17
C PHE A 127 -5.04 3.50 25.63
N GLN A 128 -3.79 3.05 25.81
CA GLN A 128 -3.24 2.86 27.16
C GLN A 128 -3.07 4.22 27.88
N LYS A 129 -2.35 5.12 27.21
CA LYS A 129 -1.93 6.40 27.79
C LYS A 129 -3.12 7.28 28.15
N ARG A 130 -4.14 7.27 27.27
CA ARG A 130 -5.30 8.18 27.37
C ARG A 130 -6.42 7.66 28.22
N PHE A 131 -6.68 6.35 28.15
CA PHE A 131 -7.88 5.77 28.79
C PHE A 131 -7.61 4.56 29.67
N SER A 132 -6.37 4.07 29.66
CA SER A 132 -6.08 2.75 30.22
C SER A 132 -7.03 1.73 29.60
N TYR A 133 -7.19 1.81 28.27
CA TYR A 133 -7.88 0.78 27.49
C TYR A 133 -6.85 -0.06 26.76
N LYS A 134 -7.10 -1.35 26.71
CA LYS A 134 -6.19 -2.27 26.07
C LYS A 134 -6.73 -2.53 24.67
N TRP A 135 -6.01 -2.08 23.63
CA TRP A 135 -6.35 -2.36 22.23
C TRP A 135 -5.50 -3.60 21.92
N PHE A 136 -6.15 -4.75 21.76
CA PHE A 136 -5.41 -6.02 21.66
C PHE A 136 -4.69 -6.08 20.32
N ASP A 137 -3.76 -7.02 20.18
CA ASP A 137 -3.31 -7.34 18.86
C ASP A 137 -4.46 -7.80 17.99
N SER A 138 -4.21 -7.80 16.69
CA SER A 138 -5.30 -8.05 15.73
C SER A 138 -5.82 -9.49 15.74
N TYR A 139 -7.10 -9.64 15.37
CA TYR A 139 -7.62 -10.99 15.04
C TYR A 139 -6.85 -11.65 13.92
N GLY A 140 -6.28 -10.84 13.05
CA GLY A 140 -5.48 -11.33 11.90
C GLY A 140 -5.95 -10.83 10.56
N PHE A 141 -6.94 -9.93 10.58
CA PHE A 141 -7.47 -9.35 9.36
C PHE A 141 -7.52 -7.82 9.37
N ASP A 142 -7.39 -7.26 8.16
CA ASP A 142 -7.55 -5.84 7.83
C ASP A 142 -8.85 -5.70 7.03
N ASN A 143 -9.83 -5.01 7.60
CA ASN A 143 -11.07 -4.71 6.89
C ASN A 143 -11.07 -3.29 6.36
N THR A 144 -10.54 -3.14 5.15
CA THR A 144 -10.33 -1.79 4.58
C THR A 144 -11.46 -1.36 3.65
N TYR A 145 -11.77 -0.05 3.57
CA TYR A 145 -12.49 0.43 2.40
C TYR A 145 -11.74 -0.03 1.14
N ALA A 146 -12.47 -0.42 0.10
CA ALA A 146 -11.85 -0.88 -1.15
C ALA A 146 -12.77 -0.54 -2.32
N PHE A 147 -12.25 0.16 -3.32
CA PHE A 147 -13.06 0.51 -4.49
C PHE A 147 -13.21 -0.75 -5.28
N THR A 148 -14.48 -1.06 -5.65
CA THR A 148 -14.85 -2.36 -6.17
C THR A 148 -15.75 -2.15 -7.38
N VAL A 149 -15.45 -2.89 -8.45
CA VAL A 149 -16.24 -2.86 -9.70
C VAL A 149 -16.50 -4.28 -10.18
N THR A 150 -17.35 -4.48 -11.19
CA THR A 150 -17.46 -5.83 -11.78
C THR A 150 -16.28 -6.06 -12.70
N LYS A 151 -16.04 -7.34 -13.02
CA LYS A 151 -14.99 -7.76 -13.94
C LYS A 151 -15.34 -7.38 -15.40
N LYS A 152 -16.64 -7.39 -15.70
CA LYS A 152 -17.13 -6.86 -16.98
C LYS A 152 -16.79 -5.35 -17.14
N PHE A 153 -17.08 -4.55 -16.11
CA PHE A 153 -16.87 -3.11 -16.16
C PHE A 153 -15.37 -2.78 -16.23
N ALA A 154 -14.57 -3.53 -15.47
CA ALA A 154 -13.13 -3.36 -15.45
C ALA A 154 -12.52 -3.54 -16.86
N GLU A 155 -12.79 -4.67 -17.48
CA GLU A 155 -12.30 -4.94 -18.84
C GLU A 155 -12.79 -3.91 -19.90
N LYS A 156 -14.07 -3.54 -19.84
CA LYS A 156 -14.66 -2.50 -20.71
C LYS A 156 -13.99 -1.11 -20.59
N GLU A 157 -13.83 -0.65 -19.36
CA GLU A 157 -13.31 0.68 -19.06
C GLU A 157 -11.80 0.69 -18.84
N HIS A 158 -11.17 -0.48 -18.95
CA HIS A 158 -9.73 -0.65 -18.70
C HIS A 158 -9.26 -0.19 -17.29
N ILE A 159 -9.78 -0.86 -16.26
CA ILE A 159 -9.56 -0.42 -14.86
C ILE A 159 -8.84 -1.48 -14.01
N ASN A 160 -7.69 -1.13 -13.45
CA ASN A 160 -6.97 -1.97 -12.47
C ASN A 160 -6.72 -1.25 -11.14
N THR A 161 -6.51 0.06 -11.21
CA THR A 161 -6.22 0.86 -10.01
C THR A 161 -7.28 1.96 -9.80
N VAL A 162 -7.29 2.58 -8.62
CA VAL A 162 -8.24 3.67 -8.37
C VAL A 162 -7.95 4.85 -9.32
N SER A 163 -6.67 5.20 -9.49
CA SER A 163 -6.30 6.21 -10.48
C SER A 163 -6.88 5.99 -11.88
N ASP A 164 -7.07 4.73 -12.31
CA ASP A 164 -7.70 4.39 -13.62
C ASP A 164 -9.11 4.91 -13.73
N LEU A 165 -9.76 5.14 -12.60
CA LEU A 165 -11.11 5.69 -12.62
C LEU A 165 -11.19 7.15 -13.05
N LYS A 166 -10.06 7.88 -12.92
CA LYS A 166 -10.02 9.36 -13.09
C LYS A 166 -10.59 9.79 -14.44
N LYS A 167 -10.19 9.06 -15.48
CA LYS A 167 -10.40 9.36 -16.91
C LYS A 167 -11.86 9.58 -17.26
N ASN A 168 -12.74 8.82 -16.59
CA ASN A 168 -14.16 8.89 -16.89
C ASN A 168 -15.00 9.16 -15.65
N ALA A 169 -14.36 9.74 -14.62
CA ALA A 169 -14.91 9.81 -13.26
C ALA A 169 -16.25 10.54 -13.16
N SER A 170 -16.42 11.60 -13.95
CA SER A 170 -17.71 12.32 -14.00
C SER A 170 -18.86 11.52 -14.65
N GLN A 171 -18.53 10.43 -15.35
CA GLN A 171 -19.57 9.57 -15.96
C GLN A 171 -20.04 8.49 -14.98
N TYR A 172 -19.33 8.37 -13.85
CA TYR A 172 -19.57 7.23 -12.94
C TYR A 172 -20.52 7.54 -11.78
N LYS A 173 -21.29 6.54 -11.36
CA LYS A 173 -22.00 6.58 -10.07
C LYS A 173 -21.31 5.67 -9.05
N LEU A 174 -20.96 6.24 -7.90
CA LEU A 174 -20.27 5.52 -6.81
C LEU A 174 -21.25 5.31 -5.66
N GLY A 175 -21.43 4.07 -5.23
CA GLY A 175 -22.17 3.78 -3.99
C GLY A 175 -21.21 3.68 -2.80
N VAL A 176 -21.57 4.33 -1.69
CA VAL A 176 -20.70 4.38 -0.50
C VAL A 176 -21.56 4.16 0.76
N ASP A 177 -20.94 3.86 1.92
CA ASP A 177 -21.73 3.73 3.18
C ASP A 177 -22.29 5.08 3.69
N ASN A 178 -23.14 5.05 4.71
CA ASN A 178 -23.76 6.28 5.21
C ASN A 178 -22.87 7.22 6.03
N ALA A 179 -21.58 6.89 6.20
CA ALA A 179 -20.70 7.77 7.01
C ALA A 179 -19.45 8.30 6.30
N TRP A 180 -19.07 7.63 5.22
CA TRP A 180 -17.79 7.89 4.55
C TRP A 180 -17.68 9.30 3.95
N LEU A 181 -18.78 9.84 3.42
CA LEU A 181 -18.73 11.12 2.73
C LEU A 181 -18.32 12.26 3.65
N LYS A 182 -18.53 12.06 4.95
CA LYS A 182 -18.40 13.09 5.96
C LYS A 182 -17.20 12.87 6.87
N ARG A 183 -16.53 11.72 6.75
CA ARG A 183 -15.39 11.39 7.61
C ARG A 183 -14.19 12.31 7.36
N LYS A 184 -13.43 12.61 8.40
CA LYS A 184 -12.23 13.40 8.24
C LYS A 184 -11.04 12.47 8.20
N GLY A 185 -9.97 12.89 7.54
CA GLY A 185 -8.73 12.13 7.48
C GLY A 185 -8.73 10.96 6.49
N ASP A 186 -9.71 10.08 6.64
CA ASP A 186 -9.81 8.93 5.72
C ASP A 186 -11.13 8.93 4.88
N GLY A 187 -11.82 10.08 4.82
CA GLY A 187 -13.10 10.19 4.08
C GLY A 187 -12.99 10.75 2.66
N TYR A 188 -14.13 11.10 2.08
CA TYR A 188 -14.15 11.62 0.69
C TYR A 188 -13.30 12.89 0.46
N LYS A 189 -13.29 13.78 1.45
CA LYS A 189 -12.57 15.06 1.32
C LYS A 189 -11.09 14.79 1.12
N GLY A 190 -10.55 13.91 1.97
CA GLY A 190 -9.17 13.46 1.88
C GLY A 190 -8.95 12.68 0.59
N PHE A 191 -9.93 11.85 0.19
CA PHE A 191 -9.84 11.09 -1.07
C PHE A 191 -9.61 12.05 -2.26
N VAL A 192 -10.48 13.07 -2.36
CA VAL A 192 -10.39 14.08 -3.41
C VAL A 192 -9.05 14.82 -3.41
N SER A 193 -8.54 15.25 -2.26
CA SER A 193 -7.25 15.92 -2.31
C SER A 193 -6.08 14.97 -2.61
N THR A 194 -6.19 13.68 -2.27
CA THR A 194 -5.12 12.75 -2.61
C THR A 194 -5.19 12.33 -4.09
N TYR A 195 -6.39 11.95 -4.55
CA TYR A 195 -6.55 11.41 -5.91
C TYR A 195 -6.77 12.47 -6.99
N GLY A 196 -7.19 13.67 -6.56
CA GLY A 196 -7.39 14.81 -7.48
C GLY A 196 -8.55 14.67 -8.46
N PHE A 197 -9.56 13.90 -8.07
CA PHE A 197 -10.82 13.84 -8.80
C PHE A 197 -12.04 13.56 -7.91
N GLU A 198 -13.23 13.85 -8.40
CA GLU A 198 -14.44 13.42 -7.73
C GLU A 198 -15.25 12.64 -8.73
N PHE A 199 -16.17 11.82 -8.22
CA PHE A 199 -17.06 11.01 -9.05
C PHE A 199 -18.27 11.84 -9.51
N GLY A 200 -18.78 11.52 -10.70
CA GLY A 200 -20.00 12.11 -11.26
C GLY A 200 -21.15 12.24 -10.28
N THR A 201 -21.59 11.11 -9.73
CA THR A 201 -22.46 11.16 -8.55
C THR A 201 -22.09 10.13 -7.48
N THR A 202 -22.25 10.53 -6.23
CA THR A 202 -22.00 9.63 -5.11
C THR A 202 -23.31 9.34 -4.37
N TYR A 203 -23.56 8.07 -4.03
CA TYR A 203 -24.81 7.70 -3.33
C TYR A 203 -24.50 7.04 -1.98
N PRO A 204 -24.81 7.73 -0.86
CA PRO A 204 -24.67 7.05 0.43
C PRO A 204 -25.84 6.13 0.70
N MET A 205 -25.55 4.90 1.10
CA MET A 205 -26.56 3.88 1.44
C MET A 205 -26.00 2.95 2.54
N GLN A 206 -26.85 2.08 3.10
CA GLN A 206 -26.41 1.07 4.06
C GLN A 206 -25.36 0.17 3.40
N ILE A 207 -24.22 -0.01 4.06
CA ILE A 207 -23.09 -0.79 3.44
C ILE A 207 -23.56 -2.11 2.80
N GLY A 208 -24.45 -2.82 3.50
CA GLY A 208 -24.89 -4.15 3.06
C GLY A 208 -25.46 -4.16 1.68
N LEU A 209 -25.98 -3.01 1.23
CA LEU A 209 -26.59 -2.87 -0.10
C LEU A 209 -25.64 -2.65 -1.30
N VAL A 210 -24.41 -2.20 -1.04
CA VAL A 210 -23.51 -1.83 -2.18
C VAL A 210 -23.06 -3.01 -3.05
N TYR A 211 -23.08 -4.22 -2.49
CA TYR A 211 -22.63 -5.44 -3.20
C TYR A 211 -23.64 -5.79 -4.32
N ASP A 212 -24.91 -5.83 -4.00
CA ASP A 212 -25.90 -6.06 -5.03
C ASP A 212 -25.95 -4.88 -6.00
N ALA A 213 -25.92 -3.66 -5.46
CA ALA A 213 -25.89 -2.45 -6.28
C ALA A 213 -24.83 -2.47 -7.42
N VAL A 214 -23.62 -3.00 -7.16
CA VAL A 214 -22.57 -3.05 -8.17
C VAL A 214 -22.71 -4.30 -9.05
N LYS A 215 -23.16 -5.42 -8.48
CA LYS A 215 -23.38 -6.62 -9.28
C LYS A 215 -24.41 -6.33 -10.36
N ASN A 216 -25.48 -5.60 -9.95
CA ASN A 216 -26.65 -5.28 -10.77
C ASN A 216 -26.51 -4.09 -11.67
N GLY A 217 -25.31 -3.52 -11.72
CA GLY A 217 -25.02 -2.37 -12.58
C GLY A 217 -25.78 -1.10 -12.20
N LYS A 218 -26.37 -1.10 -11.01
CA LYS A 218 -27.01 0.09 -10.47
C LYS A 218 -25.96 1.21 -10.14
N MET A 219 -24.86 0.83 -9.49
CA MET A 219 -23.67 1.71 -9.35
C MET A 219 -22.57 1.23 -10.27
N ASP A 220 -21.75 2.18 -10.73
CA ASP A 220 -20.58 1.85 -11.54
C ASP A 220 -19.44 1.37 -10.65
N ALA A 221 -19.35 1.92 -9.45
CA ALA A 221 -18.32 1.48 -8.48
C ALA A 221 -18.83 1.69 -7.08
N VAL A 222 -18.27 0.92 -6.15
CA VAL A 222 -18.70 1.05 -4.81
C VAL A 222 -17.49 1.08 -3.91
N LEU A 223 -17.65 1.78 -2.77
CA LEU A 223 -16.63 1.67 -1.69
C LEU A 223 -17.03 0.59 -0.70
N ALA A 224 -16.63 -0.64 -1.05
CA ALA A 224 -16.96 -1.84 -0.29
C ALA A 224 -16.02 -2.02 0.91
N TYR A 225 -16.31 -3.02 1.74
CA TYR A 225 -15.40 -3.39 2.82
C TYR A 225 -14.71 -4.68 2.39
N SER A 226 -13.38 -4.71 2.50
CA SER A 226 -12.57 -5.81 1.96
C SER A 226 -12.95 -7.20 2.50
N THR A 227 -13.45 -7.29 3.74
CA THR A 227 -13.83 -8.60 4.33
C THR A 227 -15.21 -9.13 3.93
N ASP A 228 -16.00 -8.39 3.14
CA ASP A 228 -17.33 -8.94 2.74
C ASP A 228 -17.18 -10.14 1.78
N GLY A 229 -17.86 -11.26 2.10
CA GLY A 229 -17.73 -12.48 1.33
C GLY A 229 -18.39 -12.35 -0.05
N ARG A 230 -19.21 -11.30 -0.19
CA ARG A 230 -19.88 -11.08 -1.50
C ARG A 230 -18.88 -10.60 -2.59
N ILE A 231 -17.74 -10.03 -2.19
CA ILE A 231 -16.75 -9.66 -3.24
C ILE A 231 -16.33 -10.94 -3.99
N LYS A 232 -16.00 -12.00 -3.24
CA LYS A 232 -15.73 -13.32 -3.83
C LYS A 232 -16.94 -13.90 -4.54
N ALA A 233 -18.08 -13.96 -3.84
CA ALA A 233 -19.27 -14.67 -4.35
C ALA A 233 -19.82 -14.03 -5.62
N TYR A 234 -19.74 -12.70 -5.71
CA TYR A 234 -20.19 -11.98 -6.87
C TYR A 234 -19.11 -11.76 -7.93
N ASP A 235 -17.94 -12.37 -7.72
CA ASP A 235 -16.77 -12.24 -8.58
C ASP A 235 -16.37 -10.79 -8.89
N LEU A 236 -16.44 -9.94 -7.88
CA LEU A 236 -16.14 -8.52 -8.06
C LEU A 236 -14.64 -8.28 -8.05
N LYS A 237 -14.20 -7.13 -8.54
CA LYS A 237 -12.77 -6.84 -8.60
C LYS A 237 -12.46 -5.71 -7.66
N ILE A 238 -11.50 -5.94 -6.75
CA ILE A 238 -10.99 -4.92 -5.87
C ILE A 238 -9.94 -4.13 -6.60
N LEU A 239 -10.06 -2.81 -6.55
CA LEU A 239 -9.05 -1.97 -7.20
C LEU A 239 -7.87 -1.62 -6.30
N LYS A 240 -6.67 -1.63 -6.86
CA LYS A 240 -5.48 -1.19 -6.11
C LYS A 240 -5.56 0.29 -5.69
N ASP A 241 -5.30 0.56 -4.41
CA ASP A 241 -5.25 1.92 -3.86
C ASP A 241 -3.81 2.37 -4.14
N ASP A 242 -3.55 2.80 -5.37
CA ASP A 242 -2.18 2.94 -5.87
C ASP A 242 -1.49 4.14 -5.26
N LYS A 243 -2.25 5.08 -4.70
CA LYS A 243 -1.65 6.24 -4.03
C LYS A 243 -1.61 6.10 -2.48
N ARG A 244 -1.97 4.91 -1.99
CA ARG A 244 -2.03 4.58 -0.56
C ARG A 244 -2.77 5.64 0.22
N PHE A 245 -3.92 6.03 -0.28
CA PHE A 245 -4.76 7.01 0.44
C PHE A 245 -5.25 6.47 1.78
N PHE A 246 -5.76 5.23 1.79
CA PHE A 246 -6.34 4.67 3.01
C PHE A 246 -5.25 4.19 3.99
N PRO A 247 -5.41 4.55 5.28
CA PRO A 247 -4.63 3.96 6.35
C PRO A 247 -5.02 2.48 6.47
N PRO A 248 -4.25 1.68 7.23
CA PRO A 248 -4.67 0.28 7.45
C PRO A 248 -5.85 0.20 8.43
N TYR A 249 -6.58 -0.89 8.33
CA TYR A 249 -7.77 -1.12 9.17
C TYR A 249 -7.73 -2.51 9.85
N ASP A 250 -6.56 -2.84 10.42
CA ASP A 250 -6.45 -4.05 11.20
C ASP A 250 -7.46 -4.04 12.33
N CYS A 251 -8.12 -5.18 12.48
CA CYS A 251 -9.22 -5.32 13.41
C CYS A 251 -8.82 -6.03 14.73
N SER A 252 -9.22 -5.41 15.83
CA SER A 252 -8.98 -5.93 17.18
C SER A 252 -10.15 -5.66 18.15
N PRO A 253 -10.22 -6.46 19.25
CA PRO A 253 -11.07 -6.09 20.38
C PRO A 253 -10.41 -5.00 21.26
N VAL A 254 -11.25 -4.22 21.94
CA VAL A 254 -10.79 -3.20 22.87
C VAL A 254 -11.51 -3.42 24.22
N ILE A 255 -10.77 -3.46 25.33
CA ILE A 255 -11.32 -3.68 26.68
C ILE A 255 -10.57 -2.82 27.72
N PRO A 256 -11.30 -2.08 28.58
CA PRO A 256 -10.66 -1.33 29.67
C PRO A 256 -9.82 -2.23 30.58
N GLU A 257 -8.62 -1.77 30.93
CA GLU A 257 -7.76 -2.54 31.85
C GLU A 257 -8.50 -2.86 33.17
N LYS A 258 -9.42 -1.97 33.53
CA LYS A 258 -10.20 -2.10 34.76
C LYS A 258 -11.09 -3.35 34.71
N VAL A 259 -11.68 -3.61 33.54
CA VAL A 259 -12.52 -4.78 33.36
C VAL A 259 -11.62 -6.02 33.46
N LEU A 260 -10.46 -5.96 32.80
CA LEU A 260 -9.52 -7.08 32.80
C LEU A 260 -9.05 -7.45 34.22
N LYS A 261 -8.86 -6.43 35.05
CA LYS A 261 -8.43 -6.64 36.45
C LYS A 261 -9.55 -7.23 37.33
N GLU A 262 -10.76 -6.70 37.16
CA GLU A 262 -11.96 -7.19 37.83
C GLU A 262 -12.21 -8.66 37.53
N HIS A 263 -11.95 -9.06 36.29
CA HIS A 263 -12.15 -10.43 35.86
C HIS A 263 -10.87 -10.97 35.20
N PRO A 264 -9.89 -11.39 36.02
CA PRO A 264 -8.57 -11.78 35.50
C PRO A 264 -8.58 -12.97 34.52
N GLU A 265 -9.64 -13.79 34.54
CA GLU A 265 -9.79 -14.91 33.58
C GLU A 265 -10.12 -14.47 32.13
N LEU A 266 -10.58 -13.22 32.02
CA LEU A 266 -11.08 -12.68 30.78
C LEU A 266 -10.00 -12.46 29.72
N GLU A 267 -8.84 -11.93 30.09
CA GLU A 267 -7.78 -11.71 29.11
C GLU A 267 -7.41 -12.99 28.32
N GLY A 268 -7.36 -14.11 29.04
CA GLY A 268 -6.91 -15.38 28.43
C GLY A 268 -7.93 -15.90 27.43
N VAL A 269 -9.19 -15.60 27.69
CA VAL A 269 -10.26 -15.96 26.77
C VAL A 269 -10.12 -15.22 25.44
N ILE A 270 -10.00 -13.91 25.51
CA ILE A 270 -9.79 -13.07 24.34
C ILE A 270 -8.49 -13.45 23.60
N ASN A 271 -7.39 -13.69 24.34
CA ASN A 271 -6.13 -14.11 23.73
C ASN A 271 -6.27 -15.31 22.78
N LYS A 272 -7.25 -16.16 23.03
CA LYS A 272 -7.47 -17.37 22.18
C LYS A 272 -7.82 -17.02 20.74
N LEU A 273 -8.45 -15.85 20.52
CA LEU A 273 -8.89 -15.41 19.18
C LEU A 273 -7.85 -14.55 18.46
N ILE A 274 -6.84 -14.07 19.18
CA ILE A 274 -5.85 -13.17 18.60
C ILE A 274 -5.00 -13.92 17.57
N GLY A 275 -4.94 -13.39 16.33
CA GLY A 275 -4.22 -14.07 15.23
C GLY A 275 -4.96 -15.24 14.61
N GLN A 276 -6.17 -15.55 15.08
CA GLN A 276 -6.86 -16.77 14.59
C GLN A 276 -7.76 -16.61 13.36
N ILE A 277 -7.99 -15.37 12.96
CA ILE A 277 -8.92 -15.06 11.85
C ILE A 277 -8.25 -14.24 10.77
N ASP A 278 -7.82 -14.90 9.71
CA ASP A 278 -7.23 -14.16 8.59
C ASP A 278 -8.36 -13.68 7.67
N THR A 279 -8.06 -12.87 6.66
CA THR A 279 -9.15 -12.19 5.93
C THR A 279 -10.00 -13.19 5.15
N GLU A 280 -9.37 -14.23 4.59
CA GLU A 280 -10.10 -15.28 3.93
C GLU A 280 -11.14 -15.94 4.84
N THR A 281 -10.77 -16.22 6.09
CA THR A 281 -11.68 -16.81 7.05
C THR A 281 -12.79 -15.81 7.41
N MET A 282 -12.44 -14.53 7.65
CA MET A 282 -13.47 -13.53 7.95
C MET A 282 -14.46 -13.39 6.77
N GLN A 283 -13.94 -13.39 5.54
CA GLN A 283 -14.83 -13.34 4.37
C GLN A 283 -15.81 -14.52 4.33
N GLU A 284 -15.32 -15.69 4.67
CA GLU A 284 -16.13 -16.94 4.67
C GLU A 284 -17.22 -16.83 5.72
N LEU A 285 -16.82 -16.33 6.90
CA LEU A 285 -17.74 -16.13 8.03
C LEU A 285 -18.85 -15.12 7.71
N ASN A 286 -18.47 -13.95 7.22
CA ASN A 286 -19.40 -12.92 6.72
C ASN A 286 -20.41 -13.41 5.71
N TYR A 287 -19.97 -14.27 4.79
CA TYR A 287 -20.87 -14.73 3.73
C TYR A 287 -21.89 -15.71 4.29
N GLU A 288 -21.50 -16.45 5.34
CA GLU A 288 -22.46 -17.35 5.97
C GLU A 288 -23.68 -16.56 6.46
N VAL A 289 -23.45 -15.34 6.97
CA VAL A 289 -24.55 -14.47 7.38
C VAL A 289 -25.22 -13.79 6.19
N ASP A 290 -24.43 -13.04 5.40
CA ASP A 290 -25.01 -12.17 4.36
C ASP A 290 -25.46 -12.98 3.14
N GLY A 291 -24.75 -14.07 2.83
CA GLY A 291 -25.12 -14.88 1.67
C GLY A 291 -26.07 -16.04 1.99
N LYS A 292 -25.76 -16.82 3.03
CA LYS A 292 -26.60 -17.97 3.39
C LYS A 292 -27.66 -17.62 4.43
N LEU A 293 -27.63 -16.38 4.92
CA LEU A 293 -28.67 -15.79 5.78
C LEU A 293 -28.74 -16.43 7.15
N LYS A 294 -27.63 -17.03 7.59
CA LYS A 294 -27.59 -17.65 8.92
C LYS A 294 -27.46 -16.61 10.03
N GLU A 295 -27.95 -16.92 11.21
CA GLU A 295 -27.75 -16.03 12.37
C GLU A 295 -26.26 -15.86 12.74
N PRO A 296 -25.81 -14.61 13.00
CA PRO A 296 -24.43 -14.49 13.56
C PRO A 296 -24.09 -15.52 14.67
N SER A 297 -25.03 -15.82 15.55
CA SER A 297 -24.76 -16.74 16.68
C SER A 297 -24.50 -18.18 16.23
N VAL A 298 -25.25 -18.63 15.24
CA VAL A 298 -25.04 -19.95 14.60
C VAL A 298 -23.65 -20.01 13.94
N VAL A 299 -23.33 -18.99 13.14
CA VAL A 299 -22.04 -18.93 12.42
C VAL A 299 -20.86 -18.92 13.43
N ALA A 300 -20.98 -18.10 14.48
CA ALA A 300 -19.93 -18.06 15.52
C ALA A 300 -19.79 -19.42 16.20
N LYS A 301 -20.92 -20.08 16.50
CA LYS A 301 -20.87 -21.38 17.22
C LYS A 301 -20.16 -22.48 16.38
N GLU A 302 -20.48 -22.52 15.08
CA GLU A 302 -19.89 -23.53 14.18
C GLU A 302 -18.39 -23.29 14.02
N PHE A 303 -18.01 -22.02 14.00
CA PHE A 303 -16.59 -21.67 13.89
C PHE A 303 -15.86 -22.15 15.16
N LEU A 304 -16.45 -21.88 16.32
CA LEU A 304 -15.79 -22.25 17.57
C LEU A 304 -15.72 -23.78 17.69
N GLU A 305 -16.78 -24.43 17.22
CA GLU A 305 -16.81 -25.90 17.23
C GLU A 305 -15.73 -26.52 16.31
N LYS A 306 -15.52 -25.90 15.17
CA LYS A 306 -14.53 -26.38 14.19
C LYS A 306 -13.12 -26.36 14.78
N HIS A 307 -12.85 -25.27 15.50
CA HIS A 307 -11.55 -25.08 16.17
C HIS A 307 -11.49 -25.58 17.62
N HIS A 308 -12.46 -26.42 18.01
CA HIS A 308 -12.60 -26.91 19.38
C HIS A 308 -12.48 -25.81 20.43
N TYR A 309 -13.14 -24.67 20.20
CA TYR A 309 -13.08 -23.54 21.14
C TYR A 309 -11.62 -23.18 21.49
N PHE A 310 -10.69 -23.49 20.59
CA PHE A 310 -9.27 -23.18 20.82
C PHE A 310 -8.80 -23.77 22.18
N ASP A 311 -9.39 -24.91 22.54
CA ASP A 311 -9.28 -25.61 23.86
C ASP A 311 -10.20 -25.12 25.00
N THR B 41 30.27 23.34 -18.33
CA THR B 41 29.50 22.18 -18.82
C THR B 41 28.73 21.52 -17.66
N ILE B 42 27.54 21.02 -17.95
CA ILE B 42 26.70 20.42 -16.91
C ILE B 42 26.86 18.90 -16.91
N LYS B 43 27.32 18.37 -15.77
CA LYS B 43 27.66 16.94 -15.65
C LYS B 43 26.44 16.27 -15.05
N ILE B 44 25.88 15.32 -15.81
CA ILE B 44 24.65 14.62 -15.41
C ILE B 44 25.01 13.20 -15.08
N GLY B 45 24.69 12.80 -13.86
CA GLY B 45 24.98 11.48 -13.35
C GLY B 45 23.89 10.47 -13.67
N ALA B 46 24.31 9.32 -14.20
CA ALA B 46 23.42 8.20 -14.42
C ALA B 46 23.92 6.92 -13.73
N GLN B 47 23.01 6.29 -12.99
CA GLN B 47 23.21 4.98 -12.43
C GLN B 47 23.33 3.95 -13.57
N SER B 48 23.94 2.80 -13.29
CA SER B 48 23.92 1.68 -14.23
C SER B 48 22.57 0.95 -14.21
N MET B 49 21.52 1.66 -14.63
CA MET B 49 20.15 1.20 -14.81
C MET B 49 19.67 1.84 -16.11
N THR B 50 18.97 1.07 -16.93
CA THR B 50 18.51 1.58 -18.21
C THR B 50 17.71 2.87 -18.05
N GLU B 51 16.81 2.86 -17.10
CA GLU B 51 15.99 4.03 -16.80
C GLU B 51 16.82 5.25 -16.51
N SER B 52 17.89 5.10 -15.73
CA SER B 52 18.71 6.26 -15.41
C SER B 52 19.39 6.80 -16.68
N GLU B 53 19.90 5.93 -17.52
CA GLU B 53 20.50 6.35 -18.74
C GLU B 53 19.57 7.07 -19.67
N ILE B 54 18.35 6.58 -19.79
CA ILE B 54 17.35 7.20 -20.66
C ILE B 54 17.05 8.59 -20.19
N VAL B 55 16.79 8.73 -18.89
CA VAL B 55 16.40 10.02 -18.34
C VAL B 55 17.58 10.95 -18.37
N ALA B 56 18.77 10.42 -18.16
CA ALA B 56 19.97 11.24 -18.18
C ALA B 56 20.18 11.83 -19.58
N ASN B 57 20.05 11.02 -20.62
CA ASN B 57 20.16 11.56 -21.99
C ASN B 57 19.04 12.58 -22.29
N MET B 58 17.88 12.37 -21.71
CA MET B 58 16.75 13.28 -21.92
C MET B 58 17.06 14.67 -21.38
N ILE B 59 17.63 14.72 -20.18
CA ILE B 59 18.03 15.97 -19.55
C ILE B 59 19.13 16.70 -20.35
N ALA B 60 20.15 15.97 -20.78
CA ALA B 60 21.22 16.55 -21.60
C ALA B 60 20.69 17.13 -22.90
N GLN B 61 19.85 16.36 -23.58
CA GLN B 61 19.33 16.83 -24.87
C GLN B 61 18.44 18.06 -24.68
N LEU B 62 17.70 18.09 -23.57
CA LEU B 62 16.81 19.21 -23.33
C LEU B 62 17.56 20.47 -22.95
N ILE B 63 18.66 20.32 -22.20
CA ILE B 63 19.49 21.44 -21.78
C ILE B 63 20.12 22.06 -23.03
N GLU B 64 20.62 21.21 -23.92
CA GLU B 64 21.29 21.70 -25.13
C GLU B 64 20.28 22.26 -26.10
N HIS B 65 19.05 21.72 -26.10
CA HIS B 65 18.00 22.24 -26.96
C HIS B 65 17.54 23.65 -26.51
N ASP B 66 17.51 23.91 -25.20
CA ASP B 66 16.91 25.15 -24.68
C ASP B 66 17.90 26.25 -24.33
N THR B 67 19.17 25.91 -24.28
CA THR B 67 20.18 26.83 -23.82
C THR B 67 21.47 26.70 -24.61
N ASP B 68 22.45 27.51 -24.21
CA ASP B 68 23.77 27.57 -24.80
C ASP B 68 24.72 26.67 -23.97
N LEU B 69 24.22 26.12 -22.86
CA LEU B 69 25.03 25.25 -22.00
C LEU B 69 25.40 23.95 -22.68
N ASN B 70 26.58 23.43 -22.35
CA ASN B 70 27.00 22.12 -22.85
C ASN B 70 26.80 21.06 -21.77
N THR B 71 26.68 19.80 -22.19
CA THR B 71 26.46 18.70 -21.24
C THR B 71 27.47 17.57 -21.34
N ALA B 72 27.62 16.85 -20.23
CA ALA B 72 28.41 15.64 -20.20
C ALA B 72 27.71 14.65 -19.30
N LEU B 73 27.63 13.39 -19.76
CA LEU B 73 27.03 12.33 -19.00
C LEU B 73 28.08 11.58 -18.27
N VAL B 74 27.92 11.48 -16.95
CA VAL B 74 28.78 10.64 -16.13
C VAL B 74 28.02 9.34 -15.88
N LYS B 75 28.41 8.28 -16.58
CA LYS B 75 27.66 7.02 -16.52
C LYS B 75 28.21 6.00 -15.50
N ASN B 76 27.47 4.90 -15.34
CA ASN B 76 27.88 3.77 -14.52
C ASN B 76 28.22 4.04 -13.08
N LEU B 77 27.50 4.99 -12.49
CA LEU B 77 27.53 5.16 -11.04
C LEU B 77 26.78 3.96 -10.42
N GLY B 78 27.24 3.45 -9.28
CA GLY B 78 26.75 2.14 -8.81
C GLY B 78 25.42 2.12 -8.05
N SER B 79 25.24 3.12 -7.20
CA SER B 79 24.06 3.23 -6.33
C SER B 79 23.81 4.70 -5.97
N ASN B 80 22.67 4.97 -5.32
CA ASN B 80 22.37 6.31 -4.86
C ASN B 80 23.47 6.85 -3.91
N TYR B 81 24.05 5.98 -3.08
CA TYR B 81 25.26 6.32 -2.30
C TYR B 81 26.44 6.87 -3.18
N VAL B 82 26.87 6.13 -4.19
CA VAL B 82 27.91 6.64 -5.11
C VAL B 82 27.43 7.95 -5.77
N GLN B 83 26.19 7.98 -6.25
CA GLN B 83 25.62 9.20 -6.85
C GLN B 83 25.73 10.39 -5.89
N HIS B 84 25.30 10.17 -4.65
CA HIS B 84 25.31 11.25 -3.63
C HIS B 84 26.73 11.73 -3.32
N GLN B 85 27.65 10.78 -3.09
CA GLN B 85 29.08 11.15 -2.86
C GLN B 85 29.66 11.91 -4.06
N ALA B 86 29.30 11.47 -5.26
CA ALA B 86 29.70 12.19 -6.47
C ALA B 86 29.19 13.65 -6.50
N MET B 87 27.92 13.85 -6.17
CA MET B 87 27.40 15.20 -6.12
C MET B 87 28.13 16.02 -5.06
N LEU B 88 28.29 15.46 -3.86
CA LEU B 88 29.03 16.14 -2.81
C LEU B 88 30.47 16.54 -3.23
N GLY B 89 31.12 15.70 -4.05
CA GLY B 89 32.51 15.94 -4.49
C GLY B 89 32.57 16.90 -5.65
N GLY B 90 31.43 17.18 -6.26
CA GLY B 90 31.38 18.03 -7.45
C GLY B 90 31.59 17.30 -8.78
N ASP B 91 31.64 15.97 -8.75
CA ASP B 91 31.78 15.12 -9.96
C ASP B 91 30.53 15.15 -10.89
N ILE B 92 29.35 15.43 -10.31
CA ILE B 92 28.14 15.59 -11.09
C ILE B 92 27.38 16.81 -10.58
N ASP B 93 26.70 17.48 -11.50
CA ASP B 93 25.88 18.66 -11.20
C ASP B 93 24.42 18.29 -11.10
N ILE B 94 24.04 17.15 -11.68
CA ILE B 94 22.65 16.68 -11.67
C ILE B 94 22.62 15.16 -11.46
N SER B 95 21.76 14.69 -10.55
CA SER B 95 21.39 13.26 -10.55
C SER B 95 20.13 13.15 -11.32
N ALA B 96 20.17 12.41 -12.43
CA ALA B 96 18.98 12.14 -13.24
C ALA B 96 17.82 11.42 -12.51
N THR B 97 18.13 10.35 -11.79
CA THR B 97 17.10 9.49 -11.22
C THR B 97 17.38 9.15 -9.78
N ARG B 98 16.60 9.77 -8.90
CA ARG B 98 16.65 9.40 -7.47
C ARG B 98 15.23 8.98 -6.97
N TYR B 99 15.18 8.10 -5.96
CA TYR B 99 13.93 7.44 -5.53
C TYR B 99 13.69 7.78 -4.08
N SER B 100 12.51 8.32 -3.80
CA SER B 100 12.30 8.88 -2.45
C SER B 100 12.57 7.86 -1.29
N GLY B 101 11.95 6.68 -1.33
CA GLY B 101 12.17 5.64 -0.29
C GLY B 101 13.61 5.19 -0.18
N THR B 102 14.32 5.13 -1.29
CA THR B 102 15.76 4.78 -1.27
C THR B 102 16.65 5.76 -0.48
N ASP B 103 16.57 7.03 -0.84
CA ASP B 103 17.39 8.02 -0.16
C ASP B 103 16.89 8.29 1.28
N LEU B 104 15.60 8.15 1.53
CA LEU B 104 15.05 8.33 2.87
C LEU B 104 15.68 7.36 3.87
N THR B 105 15.82 6.10 3.43
CA THR B 105 16.31 5.07 4.31
C THR B 105 17.81 5.02 4.38
N SER B 106 18.51 5.31 3.28
CA SER B 106 19.98 5.18 3.27
C SER B 106 20.74 6.52 3.44
N THR B 107 20.56 7.45 2.54
CA THR B 107 21.23 8.74 2.68
C THR B 107 20.76 9.48 3.93
N LEU B 108 19.44 9.61 4.10
CA LEU B 108 18.96 10.33 5.27
C LEU B 108 18.89 9.51 6.57
N GLY B 109 18.99 8.19 6.47
CA GLY B 109 19.06 7.32 7.66
C GLY B 109 17.78 7.34 8.49
N LYS B 110 16.64 7.55 7.84
CA LYS B 110 15.39 7.60 8.58
C LYS B 110 14.58 6.33 8.39
N GLU B 111 13.54 6.22 9.22
CA GLU B 111 12.58 5.13 9.10
C GLU B 111 12.00 5.18 7.71
N ALA B 112 11.56 4.05 7.22
CA ALA B 112 10.88 3.98 5.93
C ALA B 112 9.43 4.47 6.06
N GLU B 113 9.17 5.71 5.67
CA GLU B 113 7.82 6.26 5.68
C GLU B 113 6.99 5.61 4.57
N LYS B 114 5.76 5.21 4.84
CA LYS B 114 4.96 4.55 3.86
C LYS B 114 4.02 5.42 3.00
N ASP B 115 3.71 6.66 3.45
CA ASP B 115 2.78 7.51 2.66
C ASP B 115 3.63 8.20 1.55
N PRO B 116 3.21 8.16 0.25
CA PRO B 116 4.02 8.82 -0.79
C PRO B 116 4.24 10.30 -0.58
N LYS B 117 3.18 11.03 -0.23
CA LYS B 117 3.33 12.50 -0.08
C LYS B 117 4.22 12.87 1.12
N LYS B 118 4.02 12.19 2.24
CA LYS B 118 4.79 12.46 3.46
C LYS B 118 6.22 12.07 3.17
N ALA B 119 6.40 10.92 2.51
CA ALA B 119 7.75 10.47 2.17
C ALA B 119 8.50 11.51 1.31
N LEU B 120 7.89 11.97 0.22
CA LEU B 120 8.44 13.00 -0.64
C LEU B 120 8.74 14.31 0.12
N ASN B 121 7.79 14.79 0.92
CA ASN B 121 8.02 16.01 1.72
C ASN B 121 9.24 15.97 2.65
N ILE B 122 9.39 14.85 3.35
CA ILE B 122 10.50 14.61 4.24
C ILE B 122 11.80 14.65 3.42
N VAL B 123 11.85 13.89 2.32
CA VAL B 123 13.02 13.89 1.46
C VAL B 123 13.40 15.31 1.00
N GLN B 124 12.43 16.02 0.42
CA GLN B 124 12.68 17.36 -0.09
C GLN B 124 13.14 18.29 1.04
N ASN B 125 12.46 18.27 2.18
CA ASN B 125 12.86 19.18 3.25
C ASN B 125 14.26 18.88 3.79
N GLU B 126 14.57 17.61 3.97
CA GLU B 126 15.91 17.27 4.47
C GLU B 126 17.00 17.56 3.46
N PHE B 127 16.73 17.36 2.16
CA PHE B 127 17.78 17.58 1.14
C PHE B 127 18.11 19.05 1.04
N GLN B 128 17.09 19.87 1.30
CA GLN B 128 17.28 21.31 1.41
C GLN B 128 18.08 21.68 2.68
N LYS B 129 17.66 21.15 3.83
CA LYS B 129 18.25 21.52 5.10
C LYS B 129 19.70 21.06 5.25
N ARG B 130 19.95 19.81 4.87
CA ARG B 130 21.24 19.19 5.12
C ARG B 130 22.26 19.48 4.05
N PHE B 131 21.85 19.59 2.79
CA PHE B 131 22.78 19.73 1.71
C PHE B 131 22.63 21.00 0.86
N SER B 132 21.57 21.78 1.08
CA SER B 132 21.13 22.81 0.14
C SER B 132 21.00 22.22 -1.31
N TYR B 133 20.40 21.05 -1.38
CA TYR B 133 20.09 20.40 -2.64
C TYR B 133 18.61 20.47 -2.85
N LYS B 134 18.19 20.69 -4.11
CA LYS B 134 16.80 20.65 -4.49
C LYS B 134 16.48 19.25 -5.01
N TRP B 135 15.69 18.51 -4.24
CA TRP B 135 15.02 17.26 -4.69
C TRP B 135 13.72 17.72 -5.38
N PHE B 136 13.68 17.62 -6.70
CA PHE B 136 12.50 18.09 -7.44
C PHE B 136 11.24 17.22 -7.17
N ASP B 137 10.07 17.77 -7.47
CA ASP B 137 8.84 17.02 -7.66
C ASP B 137 9.10 15.92 -8.67
N SER B 138 8.31 14.86 -8.59
CA SER B 138 8.62 13.63 -9.34
C SER B 138 8.32 13.77 -10.85
N TYR B 139 9.08 13.00 -11.65
CA TYR B 139 8.79 12.84 -13.06
C TYR B 139 7.35 12.40 -13.29
N GLY B 140 6.88 11.57 -12.36
CA GLY B 140 5.50 11.05 -12.36
C GLY B 140 5.39 9.53 -12.24
N PHE B 141 6.51 8.83 -12.14
CA PHE B 141 6.54 7.39 -11.92
C PHE B 141 7.19 6.99 -10.57
N ASP B 142 6.77 5.85 -10.02
CA ASP B 142 7.29 5.25 -8.79
C ASP B 142 7.97 3.98 -9.28
N ASN B 143 9.29 3.80 -9.11
CA ASN B 143 9.91 2.52 -9.51
C ASN B 143 10.19 1.69 -8.24
N THR B 144 9.26 0.84 -7.84
CA THR B 144 9.38 0.10 -6.59
C THR B 144 9.95 -1.28 -6.80
N TYR B 145 10.63 -1.79 -5.77
CA TYR B 145 10.86 -3.22 -5.67
C TYR B 145 9.47 -3.86 -5.77
N ALA B 146 9.36 -4.97 -6.49
CA ALA B 146 8.12 -5.66 -6.69
C ALA B 146 8.38 -7.16 -6.83
N PHE B 147 7.81 -7.94 -5.93
CA PHE B 147 7.91 -9.42 -5.99
C PHE B 147 7.12 -9.88 -7.22
N THR B 148 7.78 -10.69 -8.05
CA THR B 148 7.31 -11.03 -9.36
C THR B 148 7.50 -12.51 -9.58
N VAL B 149 6.48 -13.12 -10.18
CA VAL B 149 6.46 -14.55 -10.56
C VAL B 149 5.84 -14.67 -11.96
N THR B 150 5.92 -15.87 -12.56
CA THR B 150 5.25 -16.13 -13.83
C THR B 150 3.77 -16.32 -13.54
N LYS B 151 2.92 -15.88 -14.46
CA LYS B 151 1.47 -16.10 -14.36
C LYS B 151 1.11 -17.59 -14.34
N LYS B 152 2.02 -18.41 -14.87
CA LYS B 152 1.91 -19.87 -14.85
C LYS B 152 2.36 -20.50 -13.51
N PHE B 153 2.94 -19.69 -12.64
CA PHE B 153 3.29 -20.13 -11.29
C PHE B 153 2.31 -19.59 -10.24
N ALA B 154 1.64 -18.49 -10.55
CA ALA B 154 0.69 -17.86 -9.62
C ALA B 154 -0.62 -18.66 -9.54
N GLU B 155 -0.64 -19.81 -10.19
CA GLU B 155 -1.83 -20.65 -10.29
C GLU B 155 -1.64 -22.02 -9.67
N LYS B 156 -0.59 -22.73 -10.05
CA LYS B 156 -0.25 -23.98 -9.37
C LYS B 156 0.03 -23.76 -7.87
N GLU B 157 0.20 -22.51 -7.44
CA GLU B 157 0.49 -22.22 -6.03
C GLU B 157 -0.45 -21.22 -5.34
N HIS B 158 -1.37 -20.62 -6.10
CA HIS B 158 -2.36 -19.64 -5.60
C HIS B 158 -1.74 -18.41 -4.93
N ILE B 159 -0.99 -17.64 -5.70
CA ILE B 159 -0.30 -16.48 -5.16
C ILE B 159 -0.92 -15.20 -5.74
N ASN B 160 -1.47 -14.37 -4.88
CA ASN B 160 -1.84 -13.04 -5.31
C ASN B 160 -1.12 -11.96 -4.53
N THR B 161 -0.64 -12.31 -3.34
CA THR B 161 0.07 -11.36 -2.48
C THR B 161 1.44 -11.92 -2.08
N VAL B 162 2.25 -11.05 -1.47
CA VAL B 162 3.52 -11.47 -0.92
C VAL B 162 3.27 -12.47 0.23
N SER B 163 2.25 -12.17 1.06
CA SER B 163 1.89 -13.03 2.17
C SER B 163 1.64 -14.49 1.79
N ASP B 164 1.17 -14.71 0.56
CA ASP B 164 0.85 -16.05 0.06
C ASP B 164 2.06 -16.91 -0.20
N LEU B 165 3.22 -16.26 -0.31
CA LEU B 165 4.49 -16.98 -0.49
C LEU B 165 4.97 -17.67 0.78
N LYS B 166 4.41 -17.30 1.94
CA LYS B 166 4.85 -17.84 3.25
C LYS B 166 4.70 -19.34 3.39
N LYS B 167 3.65 -19.88 2.78
CA LYS B 167 3.32 -21.30 2.92
C LYS B 167 4.49 -22.16 2.48
N ASN B 168 4.80 -22.13 1.18
CA ASN B 168 5.91 -22.91 0.63
C ASN B 168 7.27 -22.19 0.62
N ALA B 169 7.36 -21.05 1.31
CA ALA B 169 8.59 -20.20 1.26
C ALA B 169 9.94 -20.96 1.25
N SER B 170 10.08 -21.92 2.18
CA SER B 170 11.32 -22.69 2.31
C SER B 170 11.63 -23.57 1.07
N GLN B 171 10.65 -23.69 0.18
CA GLN B 171 10.77 -24.43 -1.08
C GLN B 171 11.21 -23.59 -2.28
N TYR B 172 11.33 -22.27 -2.08
CA TYR B 172 11.56 -21.33 -3.19
C TYR B 172 12.95 -20.77 -3.31
N LYS B 173 13.29 -20.44 -4.56
CA LYS B 173 14.51 -19.72 -4.88
C LYS B 173 14.10 -18.31 -5.30
N LEU B 174 14.69 -17.32 -4.63
CA LEU B 174 14.34 -15.90 -4.94
C LEU B 174 15.58 -15.20 -5.52
N GLY B 175 15.43 -14.64 -6.72
CA GLY B 175 16.45 -13.80 -7.32
C GLY B 175 16.21 -12.34 -6.91
N VAL B 176 17.28 -11.68 -6.50
CA VAL B 176 17.21 -10.28 -6.15
C VAL B 176 18.41 -9.55 -6.75
N ASP B 177 18.41 -8.22 -6.64
CA ASP B 177 19.54 -7.45 -7.10
C ASP B 177 20.75 -7.63 -6.19
N ASN B 178 21.84 -6.95 -6.51
CA ASN B 178 23.12 -7.21 -5.83
C ASN B 178 23.29 -6.50 -4.48
N ALA B 179 22.28 -5.72 -4.08
CA ALA B 179 22.37 -4.88 -2.88
C ALA B 179 21.23 -5.04 -1.87
N TRP B 180 20.08 -5.51 -2.32
CA TRP B 180 18.88 -5.60 -1.45
C TRP B 180 19.05 -6.49 -0.19
N LEU B 181 19.81 -7.58 -0.31
CA LEU B 181 20.00 -8.48 0.80
C LEU B 181 20.60 -7.80 2.03
N LYS B 182 21.45 -6.83 1.79
CA LYS B 182 22.15 -6.19 2.88
C LYS B 182 21.63 -4.78 3.23
N ARG B 183 20.58 -4.30 2.56
CA ARG B 183 20.06 -2.92 2.75
C ARG B 183 19.34 -2.74 4.08
N LYS B 184 19.49 -1.59 4.72
CA LYS B 184 18.76 -1.33 5.97
C LYS B 184 17.45 -0.61 5.66
N GLY B 185 16.46 -0.81 6.52
CA GLY B 185 15.17 -0.15 6.37
C GLY B 185 14.25 -0.83 5.37
N ASP B 186 14.69 -0.93 4.11
CA ASP B 186 13.86 -1.53 3.08
C ASP B 186 14.46 -2.79 2.43
N GLY B 187 15.41 -3.41 3.14
CA GLY B 187 16.08 -4.60 2.62
C GLY B 187 15.52 -5.91 3.18
N TYR B 188 16.26 -7.00 2.97
CA TYR B 188 15.81 -8.31 3.37
C TYR B 188 15.53 -8.45 4.87
N LYS B 189 16.40 -7.90 5.72
CA LYS B 189 16.17 -7.95 7.17
C LYS B 189 14.79 -7.37 7.53
N GLY B 190 14.51 -6.18 6.99
CA GLY B 190 13.19 -5.54 7.17
C GLY B 190 12.08 -6.43 6.63
N PHE B 191 12.34 -7.07 5.49
CA PHE B 191 11.34 -7.94 4.89
C PHE B 191 10.90 -9.06 5.84
N VAL B 192 11.89 -9.76 6.41
CA VAL B 192 11.67 -10.87 7.32
C VAL B 192 10.96 -10.44 8.63
N SER B 193 11.33 -9.30 9.21
CA SER B 193 10.61 -8.82 10.40
C SER B 193 9.17 -8.36 10.15
N THR B 194 8.83 -7.96 8.91
CA THR B 194 7.45 -7.54 8.60
C THR B 194 6.62 -8.75 8.12
N TYR B 195 7.18 -9.52 7.19
CA TYR B 195 6.45 -10.68 6.65
C TYR B 195 6.55 -11.99 7.48
N GLY B 196 7.56 -12.06 8.35
CA GLY B 196 7.65 -13.17 9.31
C GLY B 196 8.07 -14.50 8.71
N PHE B 197 8.68 -14.48 7.54
CA PHE B 197 9.30 -15.69 6.94
C PHE B 197 10.52 -15.34 6.06
N GLU B 198 11.28 -16.38 5.70
CA GLU B 198 12.42 -16.23 4.80
C GLU B 198 12.29 -17.23 3.65
N PHE B 199 12.96 -16.95 2.53
CA PHE B 199 12.97 -17.83 1.36
C PHE B 199 14.04 -18.91 1.51
N GLY B 200 13.78 -20.07 0.91
CA GLY B 200 14.68 -21.24 0.97
C GLY B 200 16.11 -20.92 0.62
N THR B 201 16.33 -20.32 -0.54
CA THR B 201 17.64 -19.77 -0.89
C THR B 201 17.43 -18.46 -1.65
N THR B 202 18.44 -17.61 -1.60
CA THR B 202 18.36 -16.35 -2.32
C THR B 202 19.52 -16.26 -3.28
N TYR B 203 19.26 -15.66 -4.44
CA TYR B 203 20.30 -15.52 -5.46
C TYR B 203 20.50 -14.07 -5.89
N PRO B 204 21.51 -13.38 -5.31
CA PRO B 204 21.72 -12.02 -5.79
C PRO B 204 22.28 -12.06 -7.18
N MET B 205 21.90 -11.09 -8.00
CA MET B 205 22.37 -10.97 -9.37
C MET B 205 22.16 -9.55 -9.87
N GLN B 206 22.82 -9.22 -10.97
CA GLN B 206 22.54 -7.93 -11.64
C GLN B 206 21.04 -7.83 -11.89
N ILE B 207 20.42 -6.67 -11.59
CA ILE B 207 18.97 -6.57 -11.69
C ILE B 207 18.45 -6.94 -13.08
N GLY B 208 19.22 -6.62 -14.12
CA GLY B 208 18.78 -6.90 -15.49
C GLY B 208 18.60 -8.38 -15.78
N LEU B 209 19.19 -9.23 -14.93
CA LEU B 209 19.12 -10.70 -15.13
C LEU B 209 17.87 -11.34 -14.51
N VAL B 210 17.20 -10.63 -13.62
CA VAL B 210 16.02 -11.22 -12.94
C VAL B 210 14.87 -11.65 -13.85
N TYR B 211 14.66 -10.89 -14.92
CA TYR B 211 13.47 -11.05 -15.76
C TYR B 211 13.54 -12.35 -16.56
N ASP B 212 14.69 -12.67 -17.12
CA ASP B 212 14.87 -13.97 -17.79
C ASP B 212 14.95 -15.13 -16.79
N ALA B 213 15.56 -14.89 -15.63
CA ALA B 213 15.66 -15.90 -14.56
C ALA B 213 14.30 -16.44 -14.05
N VAL B 214 13.34 -15.52 -13.82
CA VAL B 214 11.98 -15.91 -13.41
C VAL B 214 11.22 -16.53 -14.59
N LYS B 215 11.27 -15.88 -15.75
CA LYS B 215 10.57 -16.36 -16.95
C LYS B 215 11.00 -17.79 -17.28
N ASN B 216 12.29 -18.07 -17.16
CA ASN B 216 12.81 -19.39 -17.53
C ASN B 216 12.78 -20.46 -16.43
N GLY B 217 12.06 -20.16 -15.34
CA GLY B 217 11.81 -21.15 -14.25
C GLY B 217 13.01 -21.46 -13.35
N LYS B 218 14.15 -20.80 -13.62
CA LYS B 218 15.38 -20.89 -12.84
C LYS B 218 15.12 -20.38 -11.41
N MET B 219 14.33 -19.29 -11.30
CA MET B 219 13.92 -18.70 -10.03
C MET B 219 12.43 -18.85 -9.90
N ASP B 220 11.96 -19.16 -8.71
CA ASP B 220 10.52 -19.20 -8.41
C ASP B 220 9.91 -17.82 -8.29
N ALA B 221 10.65 -16.91 -7.66
CA ALA B 221 10.23 -15.50 -7.66
C ALA B 221 11.47 -14.59 -7.77
N VAL B 222 11.24 -13.37 -8.22
CA VAL B 222 12.28 -12.34 -8.21
C VAL B 222 11.77 -11.03 -7.63
N LEU B 223 12.68 -10.29 -7.01
CA LEU B 223 12.33 -8.94 -6.56
C LEU B 223 12.67 -7.98 -7.70
N ALA B 224 11.70 -7.76 -8.58
CA ALA B 224 11.92 -6.97 -9.81
C ALA B 224 11.74 -5.48 -9.55
N TYR B 225 11.95 -4.67 -10.57
CA TYR B 225 11.72 -3.23 -10.43
C TYR B 225 10.49 -2.90 -11.26
N SER B 226 9.53 -2.20 -10.68
CA SER B 226 8.21 -2.10 -11.30
C SER B 226 8.19 -1.39 -12.65
N THR B 227 9.17 -0.56 -12.97
CA THR B 227 9.14 0.13 -14.26
C THR B 227 9.80 -0.65 -15.41
N ASP B 228 10.32 -1.85 -15.16
CA ASP B 228 10.95 -2.58 -16.23
C ASP B 228 9.88 -3.08 -17.19
N GLY B 229 10.09 -2.80 -18.46
CA GLY B 229 9.15 -3.20 -19.52
C GLY B 229 8.97 -4.70 -19.70
N ARG B 230 9.99 -5.50 -19.32
CA ARG B 230 9.95 -6.95 -19.48
C ARG B 230 8.91 -7.63 -18.57
N ILE B 231 8.48 -6.93 -17.52
CA ILE B 231 7.33 -7.39 -16.73
C ILE B 231 6.13 -7.60 -17.62
N LYS B 232 5.74 -6.60 -18.40
CA LYS B 232 4.66 -6.81 -19.36
C LYS B 232 5.02 -7.76 -20.48
N ALA B 233 6.22 -7.58 -21.03
CA ALA B 233 6.66 -8.31 -22.22
C ALA B 233 6.73 -9.81 -21.99
N TYR B 234 7.03 -10.19 -20.76
CA TYR B 234 7.18 -11.60 -20.40
C TYR B 234 5.92 -12.17 -19.73
N ASP B 235 4.85 -11.37 -19.75
CA ASP B 235 3.56 -11.72 -19.16
C ASP B 235 3.63 -12.11 -17.66
N LEU B 236 4.48 -11.38 -16.92
CA LEU B 236 4.73 -11.67 -15.51
C LEU B 236 3.67 -11.07 -14.60
N LYS B 237 3.64 -11.54 -13.35
CA LYS B 237 2.70 -11.10 -12.32
C LYS B 237 3.41 -10.43 -11.15
N ILE B 238 3.00 -9.19 -10.87
CA ILE B 238 3.40 -8.45 -9.65
C ILE B 238 2.52 -8.91 -8.47
N LEU B 239 3.12 -9.27 -7.35
CA LEU B 239 2.30 -9.68 -6.20
C LEU B 239 2.07 -8.43 -5.37
N LYS B 240 0.87 -8.33 -4.81
CA LYS B 240 0.57 -7.24 -3.90
C LYS B 240 1.46 -7.25 -2.63
N ASP B 241 2.02 -6.09 -2.30
CA ASP B 241 2.71 -5.90 -1.03
C ASP B 241 1.65 -5.62 0.02
N ASP B 242 0.98 -6.68 0.46
CA ASP B 242 -0.24 -6.58 1.31
C ASP B 242 0.05 -6.00 2.72
N LYS B 243 1.30 -6.09 3.15
CA LYS B 243 1.68 -5.52 4.45
C LYS B 243 2.33 -4.12 4.33
N ARG B 244 2.34 -3.58 3.10
CA ARG B 244 3.02 -2.33 2.79
C ARG B 244 4.44 -2.34 3.38
N PHE B 245 5.20 -3.41 3.16
CA PHE B 245 6.59 -3.38 3.63
C PHE B 245 7.41 -2.24 2.96
N PHE B 246 7.31 -2.12 1.65
CA PHE B 246 8.10 -1.12 0.92
C PHE B 246 7.55 0.35 1.04
N PRO B 247 8.42 1.31 1.27
CA PRO B 247 8.04 2.70 1.13
C PRO B 247 7.84 2.95 -0.38
N PRO B 248 7.31 4.10 -0.73
CA PRO B 248 7.20 4.53 -2.10
C PRO B 248 8.56 4.82 -2.68
N TYR B 249 8.70 4.77 -3.97
CA TYR B 249 9.91 5.14 -4.66
C TYR B 249 9.64 6.12 -5.87
N ASP B 250 8.99 7.22 -5.61
CA ASP B 250 8.73 8.17 -6.63
C ASP B 250 10.10 8.73 -7.16
N CYS B 251 10.22 8.81 -8.46
CA CYS B 251 11.45 9.21 -9.12
C CYS B 251 11.49 10.76 -9.44
N SER B 252 12.55 11.39 -8.94
CA SER B 252 12.92 12.75 -9.17
C SER B 252 14.41 12.99 -9.48
N PRO B 253 14.68 14.08 -10.17
CA PRO B 253 16.05 14.60 -10.27
C PRO B 253 16.48 15.42 -9.03
N VAL B 254 17.78 15.44 -8.77
CA VAL B 254 18.36 16.19 -7.63
C VAL B 254 19.40 17.11 -8.22
N ILE B 255 19.35 18.39 -7.84
CA ILE B 255 20.32 19.39 -8.27
C ILE B 255 20.64 20.32 -7.09
N PRO B 256 21.94 20.60 -6.83
CA PRO B 256 22.27 21.58 -5.79
C PRO B 256 21.71 22.97 -6.13
N GLU B 257 21.20 23.68 -5.12
CA GLU B 257 20.79 25.07 -5.31
C GLU B 257 21.95 25.96 -5.82
N LYS B 258 23.19 25.62 -5.47
CA LYS B 258 24.40 26.28 -6.02
C LYS B 258 24.36 26.31 -7.55
N VAL B 259 24.04 25.15 -8.14
CA VAL B 259 24.08 24.96 -9.57
C VAL B 259 22.94 25.70 -10.25
N LEU B 260 21.76 25.74 -9.61
CA LEU B 260 20.63 26.50 -10.16
C LEU B 260 20.75 28.04 -10.07
N LYS B 261 21.41 28.53 -9.00
CA LYS B 261 21.70 29.94 -8.86
C LYS B 261 22.69 30.35 -9.95
N GLU B 262 23.70 29.50 -10.17
CA GLU B 262 24.75 29.75 -11.12
C GLU B 262 24.28 29.72 -12.57
N HIS B 263 23.28 28.89 -12.85
CA HIS B 263 22.69 28.82 -14.19
C HIS B 263 21.19 28.93 -14.07
N PRO B 264 20.68 30.17 -13.98
CA PRO B 264 19.28 30.42 -13.67
C PRO B 264 18.31 29.84 -14.72
N GLU B 265 18.84 29.48 -15.89
CA GLU B 265 17.99 28.91 -16.94
C GLU B 265 17.61 27.47 -16.66
N LEU B 266 18.44 26.82 -15.82
CA LEU B 266 18.39 25.38 -15.63
C LEU B 266 17.09 24.83 -15.03
N GLU B 267 16.59 25.48 -13.99
CA GLU B 267 15.32 25.08 -13.37
C GLU B 267 14.14 24.93 -14.33
N GLY B 268 14.03 25.86 -15.27
CA GLY B 268 12.89 25.88 -16.17
C GLY B 268 12.99 24.74 -17.16
N VAL B 269 14.23 24.34 -17.48
CA VAL B 269 14.46 23.18 -18.34
C VAL B 269 14.00 21.93 -17.59
N ILE B 270 14.45 21.74 -16.36
CA ILE B 270 14.05 20.56 -15.56
C ILE B 270 12.52 20.49 -15.37
N ASN B 271 11.89 21.64 -15.07
CA ASN B 271 10.43 21.69 -14.83
C ASN B 271 9.65 21.21 -16.05
N LYS B 272 10.29 21.18 -17.21
CA LYS B 272 9.63 20.67 -18.40
C LYS B 272 9.28 19.19 -18.27
N LEU B 273 10.12 18.42 -17.58
CA LEU B 273 9.90 16.96 -17.46
C LEU B 273 9.08 16.54 -16.24
N ILE B 274 8.86 17.46 -15.31
CA ILE B 274 8.25 17.12 -14.03
C ILE B 274 6.76 16.81 -14.25
N GLY B 275 6.30 15.66 -13.76
CA GLY B 275 4.92 15.17 -13.98
C GLY B 275 4.59 14.75 -15.42
N GLN B 276 5.62 14.54 -16.23
CA GLN B 276 5.47 14.24 -17.66
C GLN B 276 5.70 12.80 -18.01
N ILE B 277 6.18 12.00 -17.07
CA ILE B 277 6.45 10.60 -17.37
C ILE B 277 5.75 9.72 -16.37
N ASP B 278 4.67 9.05 -16.78
CA ASP B 278 4.02 8.13 -15.86
C ASP B 278 4.70 6.75 -15.87
N THR B 279 4.24 5.83 -15.00
CA THR B 279 4.84 4.51 -14.96
C THR B 279 4.74 3.70 -16.27
N GLU B 280 3.56 3.70 -16.88
CA GLU B 280 3.34 3.07 -18.18
C GLU B 280 4.33 3.61 -19.24
N THR B 281 4.52 4.92 -19.26
CA THR B 281 5.48 5.58 -20.21
C THR B 281 6.92 5.07 -19.98
N MET B 282 7.37 5.12 -18.73
CA MET B 282 8.72 4.71 -18.33
C MET B 282 9.00 3.25 -18.77
N GLN B 283 8.01 2.37 -18.55
CA GLN B 283 8.09 0.97 -18.93
C GLN B 283 8.27 0.79 -20.43
N GLU B 284 7.47 1.51 -21.20
CA GLU B 284 7.63 1.49 -22.66
C GLU B 284 9.02 1.98 -23.11
N LEU B 285 9.45 3.10 -22.53
CA LEU B 285 10.77 3.62 -22.83
C LEU B 285 11.88 2.65 -22.43
N ASN B 286 11.75 2.02 -21.25
CA ASN B 286 12.76 1.05 -20.80
C ASN B 286 12.87 -0.14 -21.76
N TYR B 287 11.70 -0.60 -22.23
CA TYR B 287 11.65 -1.75 -23.16
C TYR B 287 12.33 -1.49 -24.50
N GLU B 288 12.26 -0.23 -24.94
CA GLU B 288 12.88 0.23 -26.21
C GLU B 288 14.37 -0.01 -26.18
N VAL B 289 14.97 0.03 -24.99
CA VAL B 289 16.41 -0.24 -24.84
C VAL B 289 16.65 -1.72 -24.58
N ASP B 290 15.89 -2.26 -23.62
CA ASP B 290 16.14 -3.60 -23.08
C ASP B 290 15.65 -4.69 -24.02
N GLY B 291 14.55 -4.42 -24.70
CA GLY B 291 13.89 -5.41 -25.57
C GLY B 291 14.08 -5.17 -27.06
N LYS B 292 14.01 -3.91 -27.47
CA LYS B 292 14.27 -3.55 -28.86
C LYS B 292 15.74 -3.09 -29.17
N LEU B 293 16.59 -3.07 -28.14
CA LEU B 293 18.04 -2.84 -28.28
C LEU B 293 18.51 -1.47 -28.81
N LYS B 294 17.69 -0.45 -28.66
CA LYS B 294 18.04 0.89 -29.04
C LYS B 294 18.94 1.54 -28.02
N GLU B 295 19.79 2.47 -28.47
CA GLU B 295 20.56 3.33 -27.59
C GLU B 295 19.65 4.25 -26.74
N PRO B 296 19.98 4.39 -25.44
CA PRO B 296 19.30 5.34 -24.55
C PRO B 296 19.17 6.73 -25.13
N SER B 297 20.19 7.20 -25.86
CA SER B 297 20.14 8.57 -26.44
C SER B 297 19.05 8.69 -27.52
N VAL B 298 18.90 7.64 -28.31
CA VAL B 298 17.91 7.55 -29.37
C VAL B 298 16.53 7.49 -28.77
N VAL B 299 16.39 6.72 -27.69
CA VAL B 299 15.08 6.56 -27.05
C VAL B 299 14.61 7.90 -26.48
N ALA B 300 15.56 8.61 -25.86
CA ALA B 300 15.33 9.91 -25.24
C ALA B 300 15.01 10.94 -26.31
N LYS B 301 15.75 10.88 -27.43
CA LYS B 301 15.50 11.81 -28.54
C LYS B 301 14.08 11.61 -29.12
N GLU B 302 13.67 10.35 -29.31
CA GLU B 302 12.35 10.15 -29.89
C GLU B 302 11.24 10.63 -28.94
N PHE B 303 11.46 10.49 -27.64
CA PHE B 303 10.47 10.92 -26.65
C PHE B 303 10.36 12.44 -26.71
N LEU B 304 11.49 13.12 -26.68
CA LEU B 304 11.50 14.61 -26.76
C LEU B 304 10.83 15.13 -28.05
N GLU B 305 11.15 14.50 -29.16
CA GLU B 305 10.50 14.84 -30.44
C GLU B 305 9.01 14.65 -30.38
N LYS B 306 8.56 13.53 -29.84
CA LYS B 306 7.12 13.23 -29.82
C LYS B 306 6.37 14.38 -29.10
N HIS B 307 6.98 14.89 -28.04
CA HIS B 307 6.40 15.93 -27.19
C HIS B 307 6.83 17.33 -27.61
N HIS B 308 7.49 17.45 -28.76
CA HIS B 308 8.03 18.74 -29.25
C HIS B 308 8.88 19.49 -28.21
N TYR B 309 9.71 18.73 -27.49
CA TYR B 309 10.62 19.25 -26.48
C TYR B 309 9.87 20.06 -25.44
N PHE B 310 8.59 19.74 -25.24
CA PHE B 310 7.69 20.50 -24.36
C PHE B 310 7.75 21.98 -24.66
N ASP B 311 8.00 22.25 -25.96
CA ASP B 311 8.56 23.47 -26.58
C ASP B 311 10.10 23.52 -26.69
C4 CHT C . -15.25 1.17 9.51
C5 CHT C . -14.75 1.00 8.07
C6 CHT C . -12.73 -0.06 8.32
C7 CHT C . -13.90 -0.29 6.32
C8 CHT C . -14.54 -1.57 8.10
O6 CHT C . -16.09 0.38 9.91
N1 CHT C . -14.05 -0.25 7.74
C4 CHT D . 16.79 1.38 -6.25
C5 CHT D . 15.61 0.40 -6.37
C6 CHT D . 14.59 1.59 -8.05
C7 CHT D . 13.92 1.78 -5.76
C8 CHT D . 13.31 -0.04 -7.23
O6 CHT D . 17.10 1.95 -7.27
N1 CHT D . 14.36 0.88 -6.81
#